data_2P4P
#
_entry.id   2P4P
#
_cell.length_a   29.552
_cell.length_b   58.667
_cell.length_c   87.434
_cell.angle_alpha   90.00
_cell.angle_beta   90.00
_cell.angle_gamma   90.00
#
_symmetry.space_group_name_H-M   'P 21 21 21'
#
loop_
_entity.id
_entity.type
_entity.pdbx_description
1 polymer 'Hypothetical protein HD1797'
2 non-polymer 'CALCIUM ION'
3 non-polymer 'MAGNESIUM ION'
4 non-polymer GLYCEROL
5 water water
#
_entity_poly.entity_id   1
_entity_poly.type   'polypeptide(L)'
_entity_poly.pdbx_seq_one_letter_code
;SNA(MSE)RRNEDSWLIDGATPLEDV(MSE)RALNIHTFPRDENYETIGGF(MSE)(MSE)Y(MSE)LR(MLY)IP
(MLY)(MLY)TDFVLYD(MLY)Y(MLY)FEIIDTENFRIDQL(MSE)VSFR(MLY)DV
;
_entity_poly.pdbx_strand_id   A,B
#
loop_
_chem_comp.id
_chem_comp.type
_chem_comp.name
_chem_comp.formula
CA non-polymer 'CALCIUM ION' 'Ca 2'
GOL non-polymer GLYCEROL 'C3 H8 O3'
MG non-polymer 'MAGNESIUM ION' 'Mg 2'
#
# COMPACT_ATOMS: atom_id res chain seq x y z
N ASN A 2 -0.07 11.25 -3.83
CA ASN A 2 0.60 10.90 -5.12
C ASN A 2 -0.43 10.45 -6.15
N ALA A 3 -0.10 10.52 -7.43
CA ALA A 3 -0.98 9.97 -8.47
C ALA A 3 -0.88 8.44 -8.40
N MSE A 4 -1.76 7.77 -9.14
CA MSE A 4 -1.76 6.32 -9.20
C MSE A 4 -0.41 5.84 -9.69
O MSE A 4 0.11 6.32 -10.69
CB MSE A 4 -2.89 5.85 -10.11
CG MSE A 4 -3.17 4.37 -10.09
SE MSE A 4 -4.98 4.00 -10.73
CE MSE A 4 -5.32 5.51 -11.89
N ARG A 5 0.18 4.92 -8.93
CA ARG A 5 1.51 4.43 -9.24
C ARG A 5 1.43 3.40 -10.33
N ARG A 6 2.48 3.35 -11.15
CA ARG A 6 2.72 2.20 -12.02
C ARG A 6 2.88 0.93 -11.19
N ASN A 7 2.16 -0.08 -11.63
CA ASN A 7 2.24 -1.43 -11.08
C ASN A 7 3.54 -2.12 -11.50
N GLU A 8 4.49 -2.22 -10.57
CA GLU A 8 5.77 -2.88 -10.78
C GLU A 8 5.98 -3.88 -9.63
N ASP A 9 6.94 -4.80 -9.74
CA ASP A 9 7.12 -5.78 -8.65
C ASP A 9 7.37 -5.06 -7.35
N SER A 10 6.72 -5.51 -6.29
CA SER A 10 6.90 -4.86 -5.00
C SER A 10 6.55 -5.80 -3.88
N TRP A 11 7.01 -5.46 -2.68
CA TRP A 11 6.62 -6.19 -1.52
C TRP A 11 6.00 -5.24 -0.51
N LEU A 12 4.95 -5.71 0.15
CA LEU A 12 4.39 -5.02 1.28
C LEU A 12 4.92 -5.66 2.54
N ILE A 13 5.52 -4.84 3.41
CA ILE A 13 6.29 -5.29 4.58
CA ILE A 13 6.21 -5.35 4.60
C ILE A 13 5.87 -4.57 5.87
N ASP A 14 5.82 -5.29 6.99
CA ASP A 14 5.49 -4.73 8.32
C ASP A 14 6.67 -3.88 8.79
N GLY A 15 6.40 -2.69 9.32
CA GLY A 15 7.46 -1.78 9.75
C GLY A 15 8.31 -2.39 10.88
N ALA A 16 7.75 -3.37 11.55
CA ALA A 16 8.38 -3.97 12.72
C ALA A 16 9.30 -5.15 12.35
N THR A 17 9.41 -5.46 11.06
CA THR A 17 10.30 -6.53 10.61
C THR A 17 11.72 -6.16 10.97
N PRO A 18 12.48 -7.09 11.60
CA PRO A 18 13.90 -6.84 11.84
C PRO A 18 14.62 -6.31 10.59
N LEU A 19 15.45 -5.30 10.79
CA LEU A 19 16.20 -4.66 9.72
C LEU A 19 17.03 -5.66 8.92
N GLU A 20 17.76 -6.51 9.63
CA GLU A 20 18.66 -7.52 9.04
C GLU A 20 17.92 -8.53 8.16
N ASP A 21 16.74 -8.93 8.59
CA ASP A 21 15.87 -9.84 7.84
C ASP A 21 15.48 -9.28 6.47
N VAL A 22 15.15 -7.99 6.45
CA VAL A 22 14.81 -7.25 5.21
C VAL A 22 16.00 -7.08 4.29
N MSE A 23 17.11 -6.58 4.86
CA MSE A 23 18.38 -6.48 4.11
C MSE A 23 18.76 -7.83 3.49
O MSE A 23 19.15 -7.87 2.33
CB MSE A 23 19.55 -6.01 5.00
CG MSE A 23 19.44 -4.71 5.73
SE MSE A 23 19.21 -3.14 4.60
CE MSE A 23 17.30 -3.17 4.29
N ARG A 24 18.72 -8.91 4.27
CA ARG A 24 19.05 -10.25 3.78
C ARG A 24 18.15 -10.68 2.62
N ALA A 25 16.85 -10.56 2.81
CA ALA A 25 15.91 -10.93 1.76
C ALA A 25 16.07 -10.10 0.46
N LEU A 26 16.60 -8.88 0.58
CA LEU A 26 16.77 -8.00 -0.58
C LEU A 26 18.20 -8.03 -1.10
N ASN A 27 19.03 -8.89 -0.50
CA ASN A 27 20.42 -9.12 -0.89
C ASN A 27 21.27 -7.84 -0.78
N ILE A 28 20.98 -7.04 0.26
CA ILE A 28 21.75 -5.85 0.61
C ILE A 28 22.85 -6.24 1.56
N HIS A 29 24.08 -5.94 1.18
CA HIS A 29 25.23 -6.33 1.96
C HIS A 29 25.95 -5.14 2.61
N THR A 30 25.48 -3.94 2.30
CA THR A 30 26.02 -2.72 2.90
C THR A 30 24.88 -1.99 3.63
N PHE A 31 24.93 -2.04 4.96
CA PHE A 31 23.91 -1.39 5.77
C PHE A 31 24.43 -1.21 7.21
N PRO A 32 23.78 -0.33 7.99
CA PRO A 32 24.12 -0.10 9.39
C PRO A 32 24.10 -1.36 10.25
N ARG A 33 25.19 -1.61 10.99
CA ARG A 33 25.40 -2.82 11.78
C ARG A 33 25.42 -2.55 13.29
N ASP A 34 25.31 -1.27 13.66
CA ASP A 34 25.32 -0.80 15.06
C ASP A 34 24.10 -1.21 15.91
N GLU A 35 23.01 -1.58 15.24
CA GLU A 35 21.76 -2.03 15.90
C GLU A 35 21.02 -0.94 16.70
N ASN A 36 21.28 0.34 16.40
CA ASN A 36 20.49 1.42 17.01
C ASN A 36 19.03 1.44 16.55
N TYR A 37 18.78 0.94 15.33
CA TYR A 37 17.43 0.79 14.77
C TYR A 37 17.23 -0.65 14.38
N GLU A 38 16.53 -1.37 15.24
CA GLU A 38 16.37 -2.82 15.18
C GLU A 38 15.47 -3.23 14.03
N THR A 39 14.63 -2.31 13.57
CA THR A 39 13.61 -2.66 12.60
C THR A 39 13.71 -1.81 11.36
N ILE A 40 13.14 -2.34 10.29
CA ILE A 40 13.12 -1.65 9.02
C ILE A 40 12.47 -0.25 9.10
N GLY A 41 11.34 -0.15 9.79
CA GLY A 41 10.64 1.12 9.92
C GLY A 41 11.47 2.08 10.76
N GLY A 42 12.17 1.57 11.77
CA GLY A 42 13.04 2.39 12.63
C GLY A 42 14.15 3.03 11.81
N PHE A 43 14.81 2.22 10.99
CA PHE A 43 15.84 2.69 10.06
C PHE A 43 15.27 3.72 9.04
N MSE A 44 14.08 3.45 8.50
CA MSE A 44 13.45 4.40 7.57
C MSE A 44 13.20 5.75 8.23
O MSE A 44 13.47 6.79 7.64
CB MSE A 44 12.12 3.83 7.04
CG MSE A 44 12.31 2.72 6.02
SE MSE A 44 10.51 2.17 5.45
CE MSE A 44 10.00 3.72 4.41
N MSE A 45 12.65 5.74 9.44
CA MSE A 45 12.47 6.97 10.21
C MSE A 45 13.79 7.75 10.40
O MSE A 45 13.86 8.95 10.18
CB MSE A 45 11.78 6.68 11.56
CG MSE A 45 10.29 6.51 11.37
SE MSE A 45 9.37 6.11 13.08
CE MSE A 45 9.64 7.83 13.99
N TYR A 46 14.86 7.04 10.79
CA TYR A 46 16.16 7.70 10.84
C TYR A 46 16.52 8.39 9.51
N MSE A 47 16.38 7.67 8.41
CA MSE A 47 16.82 8.18 7.10
C MSE A 47 15.96 9.32 6.65
O MSE A 47 16.39 10.14 5.84
CB MSE A 47 16.76 7.08 6.04
CG MSE A 47 17.67 5.92 6.30
SE MSE A 47 19.56 6.32 5.95
CE MSE A 47 19.39 6.86 4.10
N LEU A 48 14.73 9.35 7.13
CA LEU A 48 13.79 10.41 6.74
C LEU A 48 14.14 11.68 7.53
N ARG A 49 14.64 11.48 8.74
CA ARG A 49 14.84 12.56 9.73
C ARG A 49 13.52 13.24 10.21
N MLY A 50 12.77 13.79 9.27
CA MLY A 50 11.45 14.37 9.53
CB MLY A 50 10.94 15.02 8.25
CG MLY A 50 11.88 16.13 7.79
CD MLY A 50 11.25 16.84 6.61
CE MLY A 50 11.65 18.31 6.58
NZ MLY A 50 10.53 19.17 6.14
CH1 MLY A 50 9.60 19.37 7.26
CH2 MLY A 50 11.08 20.46 5.72
C MLY A 50 10.44 13.36 9.98
O MLY A 50 10.56 12.16 9.72
N ILE A 51 9.43 13.85 10.70
CA ILE A 51 8.26 13.08 11.13
C ILE A 51 7.69 12.28 9.94
N PRO A 52 7.47 10.96 10.11
CA PRO A 52 7.01 10.14 8.97
C PRO A 52 5.54 10.33 8.64
N MLY A 53 5.24 10.25 7.36
CA MLY A 53 3.84 10.21 6.92
CB MLY A 53 3.27 11.60 6.73
CG MLY A 53 4.13 12.51 5.87
CD MLY A 53 3.42 13.85 5.70
CE MLY A 53 3.74 14.56 4.38
NZ MLY A 53 5.10 14.22 3.89
CH1 MLY A 53 5.10 14.19 2.41
CH2 MLY A 53 6.11 15.20 4.33
C MLY A 53 3.72 9.38 5.68
O MLY A 53 4.71 9.20 4.97
N MLY A 54 2.51 8.89 5.40
CA MLY A 54 2.24 8.06 4.23
CB MLY A 54 0.74 7.66 4.15
CG MLY A 54 -0.15 8.87 3.87
CD MLY A 54 -1.64 8.53 3.81
CE MLY A 54 -2.25 9.47 2.77
NZ MLY A 54 -3.66 9.16 2.50
CH1 MLY A 54 -4.48 10.35 2.77
CH2 MLY A 54 -3.79 8.68 1.12
C MLY A 54 2.71 8.78 2.99
O MLY A 54 2.56 10.01 2.89
N THR A 55 3.27 8.00 2.05
CA THR A 55 3.90 8.45 0.81
C THR A 55 5.37 8.86 0.93
N ASP A 56 5.83 9.20 2.15
CA ASP A 56 7.25 9.50 2.31
C ASP A 56 8.02 8.24 1.89
N PHE A 57 9.23 8.44 1.38
CA PHE A 57 10.04 7.31 0.94
C PHE A 57 11.53 7.55 1.14
N VAL A 58 12.27 6.46 1.28
CA VAL A 58 13.73 6.45 1.39
C VAL A 58 14.27 5.65 0.20
N LEU A 59 15.30 6.18 -0.45
CA LEU A 59 15.98 5.47 -1.53
C LEU A 59 17.20 4.90 -0.87
N TYR A 60 17.35 3.56 -0.90
CA TYR A 60 18.54 2.91 -0.31
C TYR A 60 18.92 1.66 -1.11
N ASP A 61 20.20 1.52 -1.41
CA ASP A 61 20.65 0.45 -2.33
C ASP A 61 19.88 0.51 -3.65
N MLY A 62 19.40 -0.63 -4.13
CA MLY A 62 18.66 -0.70 -5.40
CB MLY A 62 18.73 -2.14 -5.89
CG MLY A 62 20.15 -2.41 -6.39
CD MLY A 62 20.34 -3.79 -6.96
CE MLY A 62 20.29 -4.84 -5.84
NZ MLY A 62 21.35 -4.69 -4.84
CH1 MLY A 62 21.32 -5.84 -3.95
CH2 MLY A 62 22.69 -4.63 -5.47
C MLY A 62 17.19 -0.32 -5.26
O MLY A 62 16.43 -0.40 -6.24
N TYR A 63 16.77 0.16 -4.09
CA TYR A 63 15.34 0.13 -3.74
C TYR A 63 14.74 1.44 -3.27
N MLY A 64 13.41 1.55 -3.42
CA MLY A 64 12.63 2.63 -2.87
CB MLY A 64 11.74 3.21 -3.97
CG MLY A 64 10.86 4.36 -3.51
CD MLY A 64 10.16 5.04 -4.70
CE MLY A 64 9.26 6.21 -4.28
NZ MLY A 64 8.44 6.76 -5.38
CH1 MLY A 64 7.13 7.21 -4.88
CH2 MLY A 64 9.10 7.93 -5.99
C MLY A 64 11.74 2.00 -1.82
O MLY A 64 11.01 1.04 -2.11
N PHE A 65 11.85 2.51 -0.61
CA PHE A 65 11.06 2.12 0.52
C PHE A 65 10.03 3.24 0.80
N GLU A 66 8.73 2.95 0.62
CA GLU A 66 7.65 3.93 0.74
C GLU A 66 6.76 3.62 1.94
N ILE A 67 6.55 4.60 2.82
CA ILE A 67 5.57 4.42 3.92
C ILE A 67 4.13 4.27 3.42
N ILE A 68 3.49 3.15 3.75
CA ILE A 68 2.09 2.97 3.36
C ILE A 68 1.19 3.58 4.43
N ASP A 69 1.51 3.28 5.68
CA ASP A 69 0.82 3.91 6.80
C ASP A 69 1.65 3.94 8.08
N THR A 70 1.37 4.93 8.93
CA THR A 70 1.91 4.97 10.27
C THR A 70 0.77 4.64 11.26
N GLU A 71 1.14 4.06 12.39
CA GLU A 71 0.23 3.90 13.49
C GLU A 71 1.04 3.81 14.78
N ASN A 72 0.49 4.43 15.85
CA ASN A 72 1.14 4.43 17.13
C ASN A 72 2.54 5.02 17.02
N PHE A 73 2.64 6.04 16.16
CA PHE A 73 3.88 6.82 15.94
C PHE A 73 5.06 6.04 15.36
N ARG A 74 4.74 4.97 14.65
CA ARG A 74 5.71 4.12 13.97
C ARG A 74 5.24 3.88 12.57
N ILE A 75 6.17 3.45 11.72
CA ILE A 75 5.86 2.99 10.38
C ILE A 75 5.26 1.60 10.57
N ASP A 76 3.99 1.47 10.20
CA ASP A 76 3.21 0.24 10.38
C ASP A 76 3.43 -0.69 9.17
N GLN A 77 3.21 -0.15 7.97
CA GLN A 77 3.46 -0.87 6.71
C GLN A 77 4.24 -0.04 5.72
N LEU A 78 5.11 -0.69 4.95
CA LEU A 78 5.84 -0.06 3.89
C LEU A 78 5.82 -0.94 2.63
N MSE A 79 6.12 -0.33 1.50
CA MSE A 79 6.29 -1.05 0.26
C MSE A 79 7.70 -0.86 -0.24
O MSE A 79 8.26 0.23 -0.11
CB MSE A 79 5.35 -0.48 -0.80
CG MSE A 79 5.19 -1.40 -2.00
SE MSE A 79 4.16 -0.46 -3.35
CE MSE A 79 4.27 1.31 -2.63
N VAL A 80 8.26 -1.92 -0.79
CA VAL A 80 9.62 -1.91 -1.35
C VAL A 80 9.44 -2.21 -2.84
N SER A 81 10.14 -1.48 -3.70
CA SER A 81 10.16 -1.72 -5.12
C SER A 81 11.56 -1.37 -5.60
N PHE A 82 11.91 -1.70 -6.85
CA PHE A 82 13.18 -1.19 -7.39
C PHE A 82 13.12 0.30 -7.58
N ARG A 83 14.22 0.99 -7.30
CA ARG A 83 14.25 2.43 -7.53
C ARG A 83 14.35 2.72 -9.00
N MLY A 84 13.81 3.86 -9.41
CA MLY A 84 13.72 4.20 -10.81
CB MLY A 84 12.25 4.45 -11.20
CG MLY A 84 11.42 3.16 -11.14
CD MLY A 84 12.08 1.96 -11.80
CE MLY A 84 11.19 1.20 -12.78
NZ MLY A 84 11.40 -0.24 -12.61
CH1 MLY A 84 10.24 -0.98 -13.12
CH2 MLY A 84 12.59 -0.72 -13.33
C MLY A 84 14.58 5.34 -11.27
O MLY A 84 14.68 5.60 -12.47
N ASP A 85 15.20 6.03 -10.32
CA ASP A 85 16.33 6.92 -10.61
C ASP A 85 17.55 6.00 -10.79
N ASP B 9 0.86 -9.08 -10.89
CA ASP B 9 0.57 -9.85 -9.64
C ASP B 9 -0.35 -9.13 -8.64
N SER B 10 0.19 -8.09 -7.96
CA SER B 10 -0.60 -7.29 -6.99
C SER B 10 -0.26 -5.81 -7.07
N TRP B 11 -1.30 -4.98 -6.98
CA TRP B 11 -1.13 -3.54 -7.17
C TRP B 11 -1.67 -2.73 -5.98
N LEU B 12 -0.84 -1.84 -5.44
CA LEU B 12 -1.20 -0.94 -4.35
C LEU B 12 -1.76 0.38 -4.82
N ILE B 13 -2.97 0.72 -4.37
CA ILE B 13 -3.72 1.89 -4.89
C ILE B 13 -4.31 2.68 -3.72
N ASP B 14 -4.40 3.99 -3.90
CA ASP B 14 -5.02 4.85 -2.87
C ASP B 14 -6.54 4.74 -2.94
N GLY B 15 -7.19 4.68 -1.78
CA GLY B 15 -8.65 4.58 -1.74
C GLY B 15 -9.35 5.79 -2.36
N ALA B 16 -8.69 6.93 -2.34
CA ALA B 16 -9.30 8.15 -2.89
C ALA B 16 -9.21 8.26 -4.41
N THR B 17 -8.57 7.28 -5.07
CA THR B 17 -8.38 7.30 -6.53
C THR B 17 -9.77 7.25 -7.18
N PRO B 18 -10.03 8.16 -8.12
CA PRO B 18 -11.36 8.11 -8.76
C PRO B 18 -11.72 6.72 -9.29
N LEU B 19 -12.95 6.28 -9.02
CA LEU B 19 -13.39 4.93 -9.39
C LEU B 19 -13.12 4.63 -10.86
N GLU B 20 -13.62 5.49 -11.73
CA GLU B 20 -13.48 5.32 -13.17
C GLU B 20 -12.06 5.09 -13.67
N ASP B 21 -11.08 5.68 -12.98
CA ASP B 21 -9.66 5.58 -13.31
C ASP B 21 -9.15 4.17 -13.02
N VAL B 22 -9.53 3.65 -11.87
CA VAL B 22 -9.09 2.32 -11.47
C VAL B 22 -9.77 1.30 -12.39
N MSE B 23 -11.07 1.46 -12.60
CA MSE B 23 -11.84 0.52 -13.43
C MSE B 23 -11.21 0.37 -14.80
O MSE B 23 -11.00 -0.74 -15.25
CB MSE B 23 -13.29 0.97 -13.59
CG MSE B 23 -14.12 0.94 -12.31
SE MSE B 23 -14.36 -0.83 -11.53
CE MSE B 23 -12.88 -0.83 -10.23
N ARG B 24 -10.89 1.50 -15.43
CA ARG B 24 -10.33 1.51 -16.78
C ARG B 24 -8.92 0.92 -16.83
N ALA B 25 -8.10 1.25 -15.82
CA ALA B 25 -6.76 0.67 -15.69
C ALA B 25 -6.79 -0.86 -15.62
N LEU B 26 -7.87 -1.39 -15.04
CA LEU B 26 -8.07 -2.85 -14.88
C LEU B 26 -8.86 -3.50 -16.01
N ASN B 27 -9.25 -2.66 -16.97
CA ASN B 27 -10.05 -3.08 -18.10
C ASN B 27 -11.45 -3.60 -17.75
N ILE B 28 -12.02 -2.98 -16.72
CA ILE B 28 -13.36 -3.32 -16.24
C ILE B 28 -14.32 -2.32 -16.86
N HIS B 29 -15.12 -2.79 -17.82
CA HIS B 29 -15.97 -1.89 -18.57
C HIS B 29 -17.38 -1.85 -18.02
N THR B 30 -17.74 -2.82 -17.19
N THR B 30 -17.73 -2.84 -17.22
CA THR B 30 -19.08 -2.87 -16.61
CA THR B 30 -19.04 -2.92 -16.58
C THR B 30 -19.02 -2.83 -15.09
C THR B 30 -18.88 -2.78 -15.09
N PHE B 31 -19.37 -1.67 -14.53
CA PHE B 31 -19.28 -1.46 -13.08
C PHE B 31 -20.40 -0.61 -12.49
N PRO B 32 -20.69 -0.82 -11.19
CA PRO B 32 -21.77 -0.12 -10.53
C PRO B 32 -21.53 1.38 -10.36
N ARG B 33 -22.55 2.16 -10.66
CA ARG B 33 -22.49 3.56 -10.31
C ARG B 33 -23.86 4.14 -9.97
N ASP B 34 -23.84 5.30 -9.32
CA ASP B 34 -25.06 6.07 -9.10
C ASP B 34 -24.85 7.48 -9.62
N GLU B 35 -25.53 8.46 -9.03
CA GLU B 35 -25.41 9.83 -9.49
C GLU B 35 -24.32 10.59 -8.76
N ASN B 36 -23.65 9.93 -7.82
CA ASN B 36 -22.59 10.58 -7.06
C ASN B 36 -21.21 10.26 -7.58
N TYR B 37 -20.32 11.24 -7.48
CA TYR B 37 -18.91 11.04 -7.77
C TYR B 37 -18.42 9.89 -6.87
N GLU B 38 -17.63 8.98 -7.43
CA GLU B 38 -17.19 7.80 -6.69
C GLU B 38 -15.69 7.54 -6.77
N THR B 39 -15.18 6.89 -5.72
CA THR B 39 -13.78 6.56 -5.61
C THR B 39 -13.70 5.05 -5.44
N ILE B 40 -12.51 4.53 -5.58
CA ILE B 40 -12.38 3.11 -5.50
C ILE B 40 -12.72 2.72 -4.06
N GLY B 41 -12.16 3.41 -3.06
CA GLY B 41 -12.56 3.25 -1.64
C GLY B 41 -14.04 3.32 -1.40
N GLY B 42 -14.72 4.30 -2.01
CA GLY B 42 -16.17 4.43 -1.91
C GLY B 42 -16.94 3.24 -2.46
N PHE B 43 -16.49 2.74 -3.62
CA PHE B 43 -17.13 1.63 -4.27
C PHE B 43 -16.98 0.41 -3.38
N MSE B 44 -15.78 0.25 -2.84
CA MSE B 44 -15.51 -0.91 -1.97
C MSE B 44 -16.35 -0.86 -0.72
O MSE B 44 -16.87 -1.90 -0.28
CB MSE B 44 -14.04 -1.01 -1.59
CG MSE B 44 -13.11 -1.49 -2.74
SE MSE B 44 -11.24 -1.19 -2.20
CE MSE B 44 -10.95 -2.65 -1.00
N MSE B 45 -16.52 0.32 -0.14
N MSE B 45 -16.50 0.33 -0.15
CA MSE B 45 -17.40 0.44 1.01
CA MSE B 45 -17.39 0.55 0.98
C MSE B 45 -18.86 0.12 0.70
C MSE B 45 -18.81 0.09 0.66
O MSE B 45 -19.55 -0.50 1.50
O MSE B 45 -19.42 -0.66 1.42
CB MSE B 45 -17.22 1.78 1.70
CB MSE B 45 -17.36 2.01 1.40
CG MSE B 45 -15.99 1.78 2.61
CG MSE B 45 -16.02 2.47 1.93
SE MSE B 45 -15.58 3.46 3.46
SE MSE B 45 -16.15 4.05 3.02
CE MSE B 45 -17.04 3.53 4.74
CE MSE B 45 -16.63 5.42 1.71
N TYR B 46 -19.32 0.53 -0.49
CA TYR B 46 -20.64 0.12 -0.96
C TYR B 46 -20.76 -1.40 -1.06
N MSE B 47 -19.78 -2.04 -1.72
CA MSE B 47 -19.79 -3.52 -1.91
C MSE B 47 -19.62 -4.32 -0.61
O MSE B 47 -20.17 -5.41 -0.48
CB MSE B 47 -18.70 -3.94 -2.90
CG MSE B 47 -18.87 -3.38 -4.28
SE MSE B 47 -20.39 -4.12 -5.30
CE MSE B 47 -19.81 -5.99 -5.35
N LEU B 48 -18.87 -3.80 0.35
CA LEU B 48 -18.67 -4.45 1.68
C LEU B 48 -19.90 -4.36 2.57
N ARG B 49 -20.58 -3.21 2.50
CA ARG B 49 -21.78 -2.85 3.31
C ARG B 49 -21.49 -2.67 4.79
N MLY B 50 -20.76 -3.63 5.34
CA MLY B 50 -20.17 -3.56 6.68
CB MLY B 50 -19.49 -4.92 6.89
CG MLY B 50 -20.20 -5.81 7.88
CD MLY B 50 -19.52 -5.75 9.24
CE MLY B 50 -20.48 -5.14 10.27
NZ MLY B 50 -20.03 -3.87 10.88
CH1 MLY B 50 -18.57 -3.70 10.87
CH2 MLY B 50 -20.72 -2.74 10.23
C MLY B 50 -19.11 -2.50 6.78
O MLY B 50 -18.47 -2.15 5.79
N ILE B 51 -18.91 -1.97 7.98
CA ILE B 51 -17.82 -1.03 8.24
C ILE B 51 -16.45 -1.66 7.94
N PRO B 52 -15.61 -0.94 7.16
CA PRO B 52 -14.31 -1.39 6.62
C PRO B 52 -13.24 -1.60 7.70
N MLY B 53 -12.56 -2.74 7.61
CA MLY B 53 -11.47 -3.12 8.53
CB MLY B 53 -11.97 -4.15 9.58
CG MLY B 53 -11.24 -5.51 9.63
CD MLY B 53 -10.51 -5.85 10.95
CE MLY B 53 -8.99 -5.93 10.81
NZ MLY B 53 -8.39 -6.96 11.69
CH1 MLY B 53 -7.81 -8.04 10.88
CH2 MLY B 53 -7.34 -6.39 12.55
C MLY B 53 -10.37 -3.64 7.67
O MLY B 53 -10.63 -4.30 6.68
N MLY B 54 -9.12 -3.33 8.00
CA MLY B 54 -7.97 -4.00 7.39
CB MLY B 54 -6.78 -3.79 8.33
CG MLY B 54 -5.47 -4.29 7.73
CD MLY B 54 -4.24 -3.90 8.57
CE MLY B 54 -4.47 -3.74 10.07
NZ MLY B 54 -3.28 -4.18 10.83
CH1 MLY B 54 -2.24 -3.14 10.82
CH2 MLY B 54 -3.64 -4.48 12.22
C MLY B 54 -8.24 -5.48 7.20
O MLY B 54 -8.80 -6.13 8.10
N THR B 55 -7.84 -6.02 6.05
CA THR B 55 -8.05 -7.40 5.61
C THR B 55 -9.40 -7.68 4.96
N ASP B 56 -10.44 -6.88 5.27
CA ASP B 56 -11.71 -7.01 4.54
C ASP B 56 -11.40 -6.97 3.01
N PHE B 57 -12.19 -7.69 2.22
CA PHE B 57 -11.99 -7.67 0.74
C PHE B 57 -13.30 -7.67 -0.06
N VAL B 58 -13.19 -7.18 -1.29
CA VAL B 58 -14.29 -7.14 -2.27
C VAL B 58 -13.83 -7.94 -3.49
N LEU B 59 -14.71 -8.79 -4.00
CA LEU B 59 -14.42 -9.47 -5.27
C LEU B 59 -15.30 -8.82 -6.32
N TYR B 60 -14.66 -8.37 -7.39
CA TYR B 60 -15.40 -7.81 -8.55
C TYR B 60 -14.66 -8.08 -9.85
N ASP B 61 -15.41 -8.43 -10.90
CA ASP B 61 -14.83 -8.79 -12.22
C ASP B 61 -13.72 -9.81 -11.96
N MLY B 62 -12.52 -9.61 -12.50
CA MLY B 62 -11.43 -10.60 -12.34
CB MLY B 62 -10.48 -10.48 -13.52
CG MLY B 62 -11.07 -11.09 -14.78
CD MLY B 62 -10.21 -10.84 -16.00
CE MLY B 62 -10.17 -9.38 -16.42
NZ MLY B 62 -11.45 -8.79 -16.84
CH1 MLY B 62 -11.18 -7.43 -17.34
CH2 MLY B 62 -12.15 -9.54 -17.92
C MLY B 62 -10.62 -10.47 -11.08
O MLY B 62 -9.61 -11.20 -10.88
N TYR B 63 -11.03 -9.57 -10.20
CA TYR B 63 -10.15 -9.03 -9.16
C TYR B 63 -10.65 -9.08 -7.71
N MLY B 64 -9.67 -9.15 -6.82
CA MLY B 64 -9.83 -8.99 -5.38
CB MLY B 64 -9.10 -10.13 -4.62
CG MLY B 64 -9.03 -10.04 -3.10
CD MLY B 64 -8.26 -11.24 -2.47
CE MLY B 64 -8.27 -11.25 -0.95
NZ MLY B 64 -7.37 -12.24 -0.27
CH1 MLY B 64 -7.07 -11.77 1.09
CH2 MLY B 64 -8.05 -13.53 -0.12
C MLY B 64 -9.27 -7.65 -5.02
O MLY B 64 -8.17 -7.26 -5.45
N PHE B 65 -10.06 -6.91 -4.26
CA PHE B 65 -9.70 -5.58 -3.80
C PHE B 65 -9.63 -5.73 -2.28
N GLU B 66 -8.43 -5.77 -1.68
CA GLU B 66 -8.24 -5.93 -0.21
C GLU B 66 -7.85 -4.63 0.51
N ILE B 67 -8.50 -4.34 1.64
CA ILE B 67 -8.18 -3.19 2.48
C ILE B 67 -6.85 -3.38 3.15
N ILE B 68 -5.91 -2.49 2.82
CA ILE B 68 -4.58 -2.46 3.48
C ILE B 68 -4.55 -1.49 4.64
N ASP B 69 -5.20 -0.33 4.49
CA ASP B 69 -5.32 0.59 5.62
C ASP B 69 -6.60 1.38 5.54
N THR B 70 -7.19 1.60 6.71
CA THR B 70 -8.25 2.60 6.83
C THR B 70 -7.66 3.77 7.60
N GLU B 71 -8.00 4.96 7.15
CA GLU B 71 -7.53 6.17 7.81
C GLU B 71 -8.65 7.17 7.64
N ASN B 72 -9.01 7.83 8.74
CA ASN B 72 -10.04 8.87 8.71
C ASN B 72 -11.40 8.38 8.17
N PHE B 73 -11.82 7.20 8.59
CA PHE B 73 -13.17 6.69 8.28
C PHE B 73 -13.37 6.32 6.81
N ARG B 74 -12.26 6.30 6.07
CA ARG B 74 -12.31 5.87 4.68
CA ARG B 74 -12.24 5.95 4.66
C ARG B 74 -11.27 4.77 4.46
N ILE B 75 -11.43 4.02 3.37
CA ILE B 75 -10.42 3.02 2.96
C ILE B 75 -9.28 3.84 2.37
N ASP B 76 -8.10 3.74 2.98
CA ASP B 76 -7.03 4.67 2.61
C ASP B 76 -6.15 4.07 1.52
N GLN B 77 -5.74 2.83 1.75
CA GLN B 77 -4.94 2.06 0.78
C GLN B 77 -5.56 0.68 0.54
N LEU B 78 -5.46 0.22 -0.70
CA LEU B 78 -5.96 -1.09 -1.03
C LEU B 78 -4.96 -1.81 -1.91
N MSE B 79 -5.09 -3.13 -1.97
CA MSE B 79 -4.27 -3.95 -2.84
CA MSE B 79 -4.26 -3.95 -2.84
C MSE B 79 -5.19 -4.61 -3.86
O MSE B 79 -6.20 -5.20 -3.50
CB MSE B 79 -3.59 -5.05 -2.04
CB MSE B 79 -3.51 -5.01 -2.02
CG MSE B 79 -2.77 -5.98 -2.88
CG MSE B 79 -2.68 -6.01 -2.81
SE MSE B 79 -1.03 -5.17 -3.08
SE MSE B 79 -1.61 -7.21 -1.68
CE MSE B 79 -0.09 -6.27 -1.76
CE MSE B 79 -0.42 -5.91 -0.87
N VAL B 80 -4.85 -4.50 -5.14
CA VAL B 80 -5.59 -5.23 -6.18
C VAL B 80 -4.82 -6.53 -6.55
N SER B 81 -5.50 -7.66 -6.66
CA SER B 81 -4.88 -8.87 -7.17
C SER B 81 -5.91 -9.64 -7.99
N PHE B 82 -5.45 -10.61 -8.77
CA PHE B 82 -6.36 -11.52 -9.41
C PHE B 82 -7.12 -12.36 -8.41
N ARG B 83 -8.42 -12.48 -8.61
CA ARG B 83 -9.18 -13.46 -7.80
C ARG B 83 -8.84 -14.91 -8.13
N MLY B 84 -9.17 -15.81 -7.20
CA MLY B 84 -8.79 -17.22 -7.29
CB MLY B 84 -7.79 -17.45 -6.16
CG MLY B 84 -6.53 -16.60 -6.34
CD MLY B 84 -5.67 -16.53 -5.08
CE MLY B 84 -5.07 -17.89 -4.71
NZ MLY B 84 -4.09 -17.82 -3.61
CH1 MLY B 84 -4.62 -17.09 -2.45
CH2 MLY B 84 -3.75 -19.19 -3.19
C MLY B 84 -9.97 -18.14 -7.05
O MLY B 84 -9.78 -19.31 -6.69
N ASP B 85 -11.19 -17.63 -7.21
CA ASP B 85 -12.38 -18.44 -6.97
C ASP B 85 -13.13 -18.75 -8.28
CA CA C . 11.17 -9.33 4.33
MG MG D . -4.83 3.20 9.78
C1 GOL E . -11.08 -13.57 -19.21
O1 GOL E . -9.84 -13.38 -18.57
C2 GOL E . -11.35 -12.46 -20.21
O2 GOL E . -11.58 -13.01 -21.49
C3 GOL E . -10.16 -11.51 -20.27
O3 GOL E . -10.47 -10.42 -21.08
#